data_5ZNP
#
_entry.id   5ZNP
#
_cell.length_a   44.340
_cell.length_b   91.909
_cell.length_c   114.370
_cell.angle_alpha   90.00
_cell.angle_beta   90.00
_cell.angle_gamma   90.00
#
_symmetry.space_group_name_H-M   'P 21 21 21'
#
loop_
_entity.id
_entity.type
_entity.pdbx_description
1 polymer 'SHORT LIFE family protein'
2 polymer '15-mer peptide from Histone H3.2'
3 non-polymer 'ZINC ION'
4 water water
#
loop_
_entity_poly.entity_id
_entity_poly.type
_entity_poly.pdbx_seq_one_letter_code
_entity_poly.pdbx_strand_id
1 'polypeptide(L)'
;SMAKAKAPRRTLDSYTVKPINKTVKPGDCVLMRPSDPSKPSYVAKIERIESDGRGPNVRVRVRWYYRPEESIGGRRQFHG
SKEVFLSDHYDTQSADTIEGKCMVHSFKNYTKLDAVGNDDFFCRFEYNSSTGAFNPDRVAVYCKCEMPYNPDDLMVQCEG
CSDWFHPACIEMSAEEAKRLDHFFCENCSSEGQKKLQNSHNTRQSDAKAETKRRRR
;
A,B
2 'polypeptide(L)' ART(M3L)QTARKSTGGKA P,Q
#
# COMPACT_ATOMS: atom_id res chain seq x y z
N LYS A 4 -25.56 31.35 -30.53
CA LYS A 4 -24.74 30.87 -31.64
C LYS A 4 -25.15 29.47 -32.05
N ALA A 5 -24.23 28.77 -32.71
CA ALA A 5 -24.33 27.34 -32.94
C ALA A 5 -23.26 26.67 -32.10
N LYS A 6 -23.39 25.36 -31.88
CA LYS A 6 -22.57 24.70 -30.86
C LYS A 6 -21.40 23.88 -31.40
N ALA A 7 -20.31 23.91 -30.62
CA ALA A 7 -19.09 23.18 -30.93
C ALA A 7 -19.21 21.73 -30.44
N PRO A 8 -18.33 20.83 -30.94
CA PRO A 8 -18.43 19.43 -30.50
C PRO A 8 -18.02 19.23 -29.05
N ARG A 9 -18.35 18.06 -28.49
CA ARG A 9 -17.88 17.71 -27.15
C ARG A 9 -16.43 17.24 -27.23
N ARG A 10 -15.65 17.60 -26.22
CA ARG A 10 -14.23 17.31 -26.24
C ARG A 10 -13.74 16.87 -24.86
N THR A 11 -12.95 15.81 -24.82
CA THR A 11 -12.32 15.38 -23.58
C THR A 11 -10.98 16.09 -23.44
N LEU A 12 -10.81 16.80 -22.32
CA LEU A 12 -9.68 17.71 -22.16
C LEU A 12 -8.49 17.04 -21.47
N ASP A 13 -7.29 17.37 -21.95
CA ASP A 13 -6.05 16.96 -21.29
C ASP A 13 -5.99 17.57 -19.90
N SER A 14 -6.37 18.84 -19.83
CA SER A 14 -6.37 19.59 -18.58
C SER A 14 -7.42 20.68 -18.63
N TYR A 15 -7.83 21.19 -17.48
CA TYR A 15 -8.70 22.34 -17.42
C TYR A 15 -8.26 23.30 -16.33
N THR A 16 -8.32 24.60 -16.63
CA THR A 16 -7.99 25.64 -15.66
C THR A 16 -9.15 26.60 -15.49
N VAL A 17 -9.47 26.92 -14.25
CA VAL A 17 -10.57 27.85 -13.96
C VAL A 17 -10.05 29.12 -13.26
N LYS A 18 -10.50 30.24 -13.79
CA LYS A 18 -10.15 31.55 -13.30
C LYS A 18 -10.60 31.76 -11.87
N PRO A 19 -11.81 31.32 -11.54
CA PRO A 19 -12.29 31.38 -10.14
C PRO A 19 -11.44 30.52 -9.22
N ILE A 20 -11.08 29.34 -9.71
CA ILE A 20 -10.25 28.37 -8.99
C ILE A 20 -8.79 28.82 -8.95
N ASN A 21 -8.35 29.28 -10.13
CA ASN A 21 -7.02 29.77 -10.45
C ASN A 21 -5.97 28.69 -10.46
N LYS A 22 -6.41 27.46 -10.53
CA LYS A 22 -5.51 26.34 -10.46
C LYS A 22 -5.91 25.42 -11.54
N THR A 23 -4.96 24.69 -12.07
CA THR A 23 -5.17 23.89 -13.24
C THR A 23 -5.13 22.44 -12.89
N VAL A 24 -6.12 21.70 -13.35
CA VAL A 24 -6.29 20.30 -12.97
C VAL A 24 -6.22 19.35 -14.16
N LYS A 25 -5.80 18.12 -13.91
CA LYS A 25 -5.74 17.07 -14.92
C LYS A 25 -6.44 15.83 -14.37
N PRO A 26 -6.76 14.86 -15.24
CA PRO A 26 -7.28 13.59 -14.72
C PRO A 26 -6.30 12.92 -13.77
N GLY A 27 -6.81 12.19 -12.78
CA GLY A 27 -5.97 11.56 -11.79
C GLY A 27 -5.72 12.44 -10.59
N ASP A 28 -6.02 13.74 -10.74
CA ASP A 28 -5.85 14.69 -9.66
C ASP A 28 -7.01 14.60 -8.67
N CYS A 29 -6.71 14.88 -7.41
CA CYS A 29 -7.74 14.94 -6.38
C CYS A 29 -8.16 16.38 -6.14
N VAL A 30 -9.46 16.60 -6.00
CA VAL A 30 -9.98 17.95 -5.82
C VAL A 30 -11.02 18.03 -4.72
N LEU A 31 -11.21 19.23 -4.20
CA LEU A 31 -12.29 19.51 -3.27
C LEU A 31 -13.43 20.17 -4.03
N MET A 32 -14.64 19.62 -3.90
CA MET A 32 -15.79 20.15 -4.62
C MET A 32 -16.87 20.60 -3.65
N ARG A 33 -17.34 21.84 -3.84
CA ARG A 33 -18.39 22.42 -3.00
C ARG A 33 -19.64 21.55 -3.00
N PRO A 34 -20.09 21.14 -1.80
CA PRO A 34 -21.39 20.47 -1.67
C PRO A 34 -22.52 21.50 -1.73
N SER A 35 -23.74 21.05 -1.93
CA SER A 35 -24.88 21.97 -2.06
C SER A 35 -25.13 22.72 -0.76
N ASP A 36 -24.80 22.09 0.36
CA ASP A 36 -24.73 22.79 1.63
C ASP A 36 -23.36 23.47 1.67
N PRO A 37 -23.33 24.81 1.56
CA PRO A 37 -22.04 25.50 1.51
C PRO A 37 -21.29 25.42 2.83
N SER A 38 -22.01 25.43 3.94
CA SER A 38 -21.42 25.28 5.26
C SER A 38 -20.73 23.94 5.40
N LYS A 39 -21.37 22.91 4.87
CA LYS A 39 -20.84 21.55 4.79
C LYS A 39 -19.42 21.53 4.25
N PRO A 40 -18.58 20.61 4.76
CA PRO A 40 -17.21 20.48 4.24
C PRO A 40 -17.20 20.00 2.79
N SER A 41 -16.11 20.31 2.09
CA SER A 41 -15.95 19.94 0.70
C SER A 41 -16.00 18.42 0.49
N TYR A 42 -16.53 18.00 -0.65
CA TYR A 42 -16.37 16.62 -1.06
C TYR A 42 -14.95 16.43 -1.56
N VAL A 43 -14.35 15.29 -1.26
CA VAL A 43 -13.06 14.96 -1.83
C VAL A 43 -13.30 14.02 -3.01
N ALA A 44 -12.69 14.32 -4.15
CA ALA A 44 -12.94 13.52 -5.34
C ALA A 44 -11.68 13.27 -6.15
N LYS A 45 -11.72 12.23 -6.99
CA LYS A 45 -10.64 11.94 -7.92
C LYS A 45 -11.14 12.08 -9.34
N ILE A 46 -10.45 12.90 -10.14
CA ILE A 46 -10.91 13.19 -11.49
C ILE A 46 -10.55 12.11 -12.48
N GLU A 47 -11.57 11.40 -12.96
CA GLU A 47 -11.40 10.37 -13.97
C GLU A 47 -11.41 10.97 -15.38
N ARG A 48 -12.24 11.99 -15.59
CA ARG A 48 -12.36 12.60 -16.91
C ARG A 48 -12.85 14.04 -16.85
N ILE A 49 -12.34 14.86 -17.77
CA ILE A 49 -12.80 16.23 -17.95
C ILE A 49 -13.35 16.39 -19.36
N GLU A 50 -14.56 16.92 -19.49
CA GLU A 50 -15.18 17.04 -20.80
C GLU A 50 -15.98 18.32 -20.96
N SER A 51 -15.94 18.88 -22.16
CA SER A 51 -16.66 20.11 -22.46
C SER A 51 -17.90 19.82 -23.29
N ASP A 52 -19.06 20.30 -22.82
CA ASP A 52 -20.29 20.18 -23.57
C ASP A 52 -20.49 21.44 -24.42
N GLY A 53 -20.58 21.25 -25.73
CA GLY A 53 -20.68 22.38 -26.65
C GLY A 53 -21.98 23.16 -26.52
N ARG A 54 -23.01 22.51 -26.00
CA ARG A 54 -24.35 23.09 -25.93
C ARG A 54 -24.42 24.32 -25.03
N GLY A 55 -23.89 24.21 -23.81
CA GLY A 55 -23.90 25.31 -22.86
C GLY A 55 -23.30 26.61 -23.38
N PRO A 56 -21.98 26.65 -23.56
CA PRO A 56 -21.07 25.54 -23.25
C PRO A 56 -20.66 25.51 -21.78
N ASN A 57 -20.35 24.32 -21.28
CA ASN A 57 -19.85 24.16 -19.92
C ASN A 57 -18.86 23.00 -19.86
N VAL A 58 -18.13 22.91 -18.76
CA VAL A 58 -17.18 21.82 -18.58
C VAL A 58 -17.65 20.86 -17.49
N ARG A 59 -17.74 19.60 -17.84
CA ARG A 59 -18.17 18.57 -16.91
C ARG A 59 -16.99 17.71 -16.48
N VAL A 60 -16.98 17.32 -15.21
CA VAL A 60 -15.90 16.52 -14.65
C VAL A 60 -16.44 15.21 -14.08
N ARG A 61 -15.97 14.10 -14.61
CA ARG A 61 -16.32 12.79 -14.10
C ARG A 61 -15.49 12.48 -12.86
N VAL A 62 -16.13 12.42 -11.70
CA VAL A 62 -15.40 12.21 -10.45
C VAL A 62 -15.75 10.91 -9.75
N ARG A 63 -14.72 10.28 -9.18
CA ARG A 63 -14.90 9.15 -8.28
C ARG A 63 -14.82 9.67 -6.84
N TRP A 64 -15.84 9.35 -6.05
CA TRP A 64 -15.96 9.95 -4.73
C TRP A 64 -15.04 9.34 -3.66
N TYR A 65 -14.39 10.23 -2.91
CA TYR A 65 -13.72 9.90 -1.67
C TYR A 65 -14.63 10.23 -0.50
N TYR A 66 -14.98 9.23 0.31
CA TYR A 66 -15.89 9.46 1.43
C TYR A 66 -15.15 9.82 2.71
N ARG A 67 -15.74 10.73 3.48
CA ARG A 67 -15.25 11.01 4.82
C ARG A 67 -15.87 9.99 5.78
N PRO A 68 -15.22 9.73 6.92
CA PRO A 68 -15.77 8.78 7.90
C PRO A 68 -17.20 9.10 8.28
N GLU A 69 -17.52 10.39 8.39
CA GLU A 69 -18.86 10.83 8.74
C GLU A 69 -19.83 10.72 7.56
N GLU A 70 -19.32 10.34 6.40
CA GLU A 70 -20.19 10.12 5.25
C GLU A 70 -20.35 8.62 5.01
N SER A 71 -19.54 7.85 5.74
CA SER A 71 -19.61 6.39 5.68
C SER A 71 -20.84 5.87 6.39
N ILE A 72 -21.23 4.64 6.07
CA ILE A 72 -22.36 3.99 6.72
C ILE A 72 -22.11 3.82 8.22
N GLY A 73 -20.91 3.38 8.56
CA GLY A 73 -20.54 3.17 9.95
C GLY A 73 -20.43 4.45 10.75
N GLY A 74 -20.29 5.58 10.05
CA GLY A 74 -20.08 6.86 10.70
C GLY A 74 -18.64 6.99 11.14
N ARG A 75 -18.31 8.11 11.78
CA ARG A 75 -16.94 8.32 12.23
C ARG A 75 -16.63 7.50 13.47
N ARG A 76 -15.38 7.04 13.58
CA ARG A 76 -14.94 6.31 14.75
C ARG A 76 -13.66 6.92 15.35
N GLN A 77 -13.26 6.40 16.50
CA GLN A 77 -12.12 6.92 17.25
C GLN A 77 -10.80 6.81 16.49
N PHE A 78 -10.61 5.70 15.79
CA PHE A 78 -9.35 5.43 15.11
C PHE A 78 -9.30 6.07 13.73
N HIS A 79 -10.37 6.76 13.36
CA HIS A 79 -10.44 7.42 12.07
C HIS A 79 -9.74 8.77 12.11
N GLY A 80 -8.77 8.95 11.22
CA GLY A 80 -8.04 10.20 11.14
C GLY A 80 -8.93 11.35 10.75
N SER A 81 -8.48 12.57 11.05
CA SER A 81 -9.22 13.78 10.69
C SER A 81 -9.21 13.97 9.18
N LYS A 82 -8.07 13.67 8.57
CA LYS A 82 -7.90 13.84 7.14
C LYS A 82 -8.02 12.50 6.43
N GLU A 83 -8.73 11.57 7.06
CA GLU A 83 -8.91 10.23 6.50
C GLU A 83 -10.10 10.19 5.54
N VAL A 84 -9.91 9.50 4.42
CA VAL A 84 -11.00 9.27 3.47
C VAL A 84 -10.92 7.86 2.90
N PHE A 85 -12.05 7.38 2.38
CA PHE A 85 -12.09 6.06 1.76
C PHE A 85 -12.42 6.18 0.27
N LEU A 86 -11.64 5.50 -0.56
CA LEU A 86 -11.96 5.40 -1.99
C LEU A 86 -13.22 4.57 -2.14
N SER A 87 -14.22 5.09 -2.85
CA SER A 87 -15.55 4.51 -2.80
C SER A 87 -16.06 3.93 -4.14
N ASP A 88 -17.12 3.14 -4.02
CA ASP A 88 -17.85 2.59 -5.17
C ASP A 88 -18.50 3.67 -6.01
N HIS A 89 -18.63 4.86 -5.43
CA HIS A 89 -19.50 5.91 -5.96
C HIS A 89 -18.86 6.77 -7.04
N TYR A 90 -19.49 6.78 -8.22
CA TYR A 90 -19.08 7.66 -9.31
C TYR A 90 -20.16 8.70 -9.57
N ASP A 91 -19.74 9.87 -10.07
CA ASP A 91 -20.69 10.94 -10.35
C ASP A 91 -20.10 11.90 -11.39
N THR A 92 -20.90 12.83 -11.87
CA THR A 92 -20.40 13.89 -12.74
C THR A 92 -20.80 15.25 -12.18
N GLN A 93 -19.83 16.15 -12.08
CA GLN A 93 -20.07 17.45 -11.49
C GLN A 93 -19.65 18.60 -12.41
N SER A 94 -20.13 19.80 -12.09
CA SER A 94 -19.72 21.00 -12.81
C SER A 94 -18.26 21.30 -12.53
N ALA A 95 -17.56 21.89 -13.50
CA ALA A 95 -16.15 22.22 -13.33
C ALA A 95 -15.96 23.36 -12.35
N ASP A 96 -17.02 24.14 -12.16
CA ASP A 96 -16.95 25.33 -11.30
C ASP A 96 -17.35 25.02 -9.86
N THR A 97 -17.53 23.75 -9.55
CA THR A 97 -17.81 23.35 -8.18
C THR A 97 -16.51 23.03 -7.46
N ILE A 98 -15.40 23.13 -8.18
CA ILE A 98 -14.08 22.84 -7.64
C ILE A 98 -13.48 24.05 -6.91
N GLU A 99 -13.22 23.89 -5.62
CA GLU A 99 -12.59 24.96 -4.82
C GLU A 99 -11.08 24.95 -4.96
N GLY A 100 -10.50 23.75 -4.96
CA GLY A 100 -9.06 23.63 -5.02
C GLY A 100 -8.57 22.21 -5.15
N LYS A 101 -7.28 22.07 -5.44
CA LYS A 101 -6.66 20.76 -5.54
C LYS A 101 -6.31 20.25 -4.16
N CYS A 102 -6.21 18.94 -4.03
CA CYS A 102 -5.81 18.31 -2.79
C CYS A 102 -5.02 17.04 -3.10
N MET A 103 -4.45 16.44 -2.06
CA MET A 103 -3.62 15.26 -2.25
C MET A 103 -4.08 14.13 -1.34
N VAL A 104 -4.44 13.00 -1.93
CA VAL A 104 -4.74 11.81 -1.15
C VAL A 104 -3.51 10.91 -1.13
N HIS A 105 -2.80 10.92 0.00
CA HIS A 105 -1.59 10.13 0.12
C HIS A 105 -1.90 8.72 0.57
N SER A 106 -0.95 7.82 0.34
CA SER A 106 -1.00 6.51 0.96
C SER A 106 -0.89 6.72 2.46
N PHE A 107 -1.51 5.83 3.23
CA PHE A 107 -1.45 5.90 4.69
C PHE A 107 0.01 6.03 5.16
N LYS A 108 0.84 5.17 4.59
CA LYS A 108 2.27 5.15 4.83
C LYS A 108 2.93 6.51 4.58
N ASN A 109 2.73 7.05 3.38
CA ASN A 109 3.34 8.33 3.02
C ASN A 109 2.80 9.49 3.86
N TYR A 110 1.54 9.41 4.25
CA TYR A 110 0.95 10.40 5.14
C TYR A 110 1.65 10.36 6.49
N THR A 111 1.95 9.15 6.96
CA THR A 111 2.67 8.99 8.21
C THR A 111 4.05 9.64 8.14
N LYS A 112 4.65 9.63 6.95
CA LYS A 112 5.98 10.18 6.73
C LYS A 112 5.99 11.70 6.57
N LEU A 113 4.81 12.30 6.45
CA LEU A 113 4.70 13.73 6.25
C LEU A 113 5.23 14.53 7.45
N ASP A 114 6.09 15.51 7.16
CA ASP A 114 6.62 16.38 8.20
C ASP A 114 5.52 17.27 8.79
N ALA A 115 4.75 17.90 7.92
CA ALA A 115 3.65 18.75 8.34
C ALA A 115 2.41 18.50 7.49
N VAL A 116 1.24 18.57 8.12
CA VAL A 116 -0.01 18.30 7.44
C VAL A 116 -0.85 19.57 7.31
N GLY A 117 -1.09 20.00 6.08
CA GLY A 117 -1.95 21.15 5.83
C GLY A 117 -3.35 20.68 5.48
N ASN A 118 -4.25 21.62 5.24
CA ASN A 118 -5.63 21.29 4.90
C ASN A 118 -5.73 20.57 3.57
N ASP A 119 -4.65 20.62 2.79
CA ASP A 119 -4.59 19.97 1.48
C ASP A 119 -4.31 18.48 1.59
N ASP A 120 -3.58 18.09 2.63
CA ASP A 120 -3.13 16.70 2.77
C ASP A 120 -4.19 15.78 3.36
N PHE A 121 -4.40 14.65 2.71
CA PHE A 121 -5.31 13.60 3.16
C PHE A 121 -4.59 12.26 3.06
N PHE A 122 -5.21 11.21 3.61
CA PHE A 122 -4.66 9.87 3.43
C PHE A 122 -5.76 8.83 3.23
N CYS A 123 -5.40 7.72 2.60
CA CYS A 123 -6.36 6.64 2.38
C CYS A 123 -5.74 5.27 2.60
N ARG A 124 -6.41 4.48 3.43
CA ARG A 124 -6.01 3.10 3.68
C ARG A 124 -7.16 2.15 3.37
N PHE A 125 -8.34 2.71 3.13
CA PHE A 125 -9.54 1.90 2.91
C PHE A 125 -10.21 2.16 1.57
N GLU A 126 -10.52 1.09 0.86
CA GLU A 126 -11.48 1.15 -0.24
C GLU A 126 -12.87 1.00 0.36
N TYR A 127 -13.87 1.56 -0.29
CA TYR A 127 -15.21 1.62 0.32
C TYR A 127 -16.33 1.21 -0.63
N ASN A 128 -17.40 0.66 -0.05
CA ASN A 128 -18.59 0.29 -0.81
C ASN A 128 -19.78 1.14 -0.36
N SER A 129 -20.40 1.83 -1.31
CA SER A 129 -21.42 2.82 -1.01
C SER A 129 -22.77 2.20 -0.63
N SER A 130 -23.09 1.05 -1.22
CA SER A 130 -24.37 0.40 -1.01
C SER A 130 -24.35 -0.53 0.20
N THR A 131 -23.39 -1.45 0.21
CA THR A 131 -23.29 -2.45 1.27
C THR A 131 -22.72 -1.86 2.55
N GLY A 132 -21.66 -1.07 2.40
CA GLY A 132 -20.97 -0.50 3.54
C GLY A 132 -19.71 -1.28 3.87
N ALA A 133 -19.28 -2.10 2.92
CA ALA A 133 -18.11 -2.96 3.11
C ALA A 133 -16.80 -2.15 3.04
N PHE A 134 -15.80 -2.63 3.76
CA PHE A 134 -14.46 -2.03 3.72
C PHE A 134 -13.45 -3.01 3.14
N ASN A 135 -12.47 -2.48 2.42
CA ASN A 135 -11.36 -3.28 1.91
C ASN A 135 -10.05 -2.55 2.15
N PRO A 136 -9.19 -3.13 3.02
CA PRO A 136 -9.34 -4.41 3.71
C PRO A 136 -10.36 -4.36 4.85
N ASP A 137 -10.87 -5.53 5.23
CA ASP A 137 -11.86 -5.62 6.30
C ASP A 137 -11.24 -5.28 7.65
N ARG A 138 -9.92 -5.42 7.75
CA ARG A 138 -9.21 -5.01 8.95
C ARG A 138 -7.74 -4.72 8.70
N VAL A 139 -7.15 -3.93 9.60
CA VAL A 139 -5.76 -3.53 9.52
C VAL A 139 -5.02 -3.91 10.80
N ALA A 140 -3.85 -3.32 11.02
CA ALA A 140 -3.08 -3.56 12.23
C ALA A 140 -3.70 -2.86 13.43
N VAL A 141 -3.57 -3.46 14.60
CA VAL A 141 -4.10 -2.89 15.84
C VAL A 141 -3.01 -2.77 16.90
N TYR A 142 -3.19 -1.86 17.86
CA TYR A 142 -2.17 -1.60 18.87
C TYR A 142 -2.75 -1.28 20.24
N CYS A 143 -1.87 -1.24 21.25
CA CYS A 143 -2.22 -0.90 22.63
C CYS A 143 -3.22 -1.89 23.25
N LYS A 144 -3.65 -1.61 24.47
CA LYS A 144 -4.59 -2.48 25.17
C LYS A 144 -6.01 -2.31 24.62
N CYS A 145 -6.27 -1.15 24.05
CA CYS A 145 -7.54 -0.89 23.41
C CYS A 145 -7.68 -1.77 22.17
N GLU A 146 -6.52 -2.24 21.68
CA GLU A 146 -6.44 -3.09 20.49
C GLU A 146 -7.24 -2.49 19.34
N MET A 147 -6.95 -1.24 19.05
CA MET A 147 -7.61 -0.50 17.98
C MET A 147 -6.60 -0.13 16.90
N PRO A 148 -7.07 0.06 15.66
CA PRO A 148 -6.22 0.55 14.57
C PRO A 148 -5.61 1.92 14.88
N TYR A 149 -4.53 2.26 14.19
CA TYR A 149 -3.78 3.48 14.48
C TYR A 149 -4.39 4.73 13.85
N ASN A 150 -4.55 5.76 14.67
CA ASN A 150 -4.94 7.09 14.19
C ASN A 150 -3.69 7.98 14.20
N PRO A 151 -3.22 8.38 13.01
CA PRO A 151 -1.98 9.16 12.87
C PRO A 151 -2.04 10.51 13.60
N ASP A 152 -3.25 10.98 13.88
CA ASP A 152 -3.43 12.19 14.67
C ASP A 152 -2.87 12.02 16.08
N ASP A 153 -3.14 10.86 16.66
CA ASP A 153 -2.83 10.61 18.06
C ASP A 153 -1.38 10.20 18.30
N LEU A 154 -0.94 10.34 19.55
CA LEU A 154 0.44 10.06 19.92
C LEU A 154 0.55 8.71 20.64
N MET A 155 1.45 7.86 20.14
CA MET A 155 1.73 6.57 20.79
C MET A 155 3.21 6.48 21.14
N VAL A 156 3.57 5.48 21.93
CA VAL A 156 4.94 5.29 22.32
C VAL A 156 5.31 3.82 22.43
N GLN A 157 6.53 3.50 22.02
CA GLN A 157 7.04 2.13 21.97
C GLN A 157 7.68 1.58 23.23
N CYS A 158 7.96 0.28 23.27
CA CYS A 158 8.54 -0.38 24.44
C CYS A 158 9.40 -1.57 24.07
N GLU A 159 9.82 -2.32 25.10
CA GLU A 159 10.66 -3.49 24.86
C GLU A 159 9.93 -4.85 24.62
N GLY A 160 9.40 -5.50 25.66
CA GLY A 160 8.95 -6.85 25.50
C GLY A 160 7.85 -6.80 24.51
N CYS A 161 7.03 -5.78 24.67
CA CYS A 161 5.94 -5.67 23.69
C CYS A 161 6.46 -5.07 22.40
N SER A 162 7.22 -4.00 22.54
CA SER A 162 7.67 -3.21 21.38
C SER A 162 6.42 -2.77 20.64
N ASP A 163 5.34 -2.62 21.38
CA ASP A 163 4.09 -2.22 20.81
C ASP A 163 4.01 -0.78 21.12
N TRP A 164 2.85 -0.19 20.84
CA TRP A 164 2.72 1.22 20.97
C TRP A 164 1.50 1.49 21.81
N PHE A 165 1.56 2.53 22.60
CA PHE A 165 0.47 2.80 23.51
C PHE A 165 -0.04 4.23 23.51
N HIS A 166 -1.35 4.41 23.56
CA HIS A 166 -1.89 5.70 23.94
C HIS A 166 -1.61 5.91 25.42
N PRO A 167 -1.04 7.08 25.78
CA PRO A 167 -0.77 7.39 27.19
C PRO A 167 -2.04 7.34 28.04
N ALA A 168 -3.11 7.94 27.55
CA ALA A 168 -4.39 7.98 28.26
C ALA A 168 -4.92 6.58 28.54
N CYS A 169 -4.64 5.66 27.63
CA CYS A 169 -5.08 4.26 27.79
C CYS A 169 -4.38 3.60 28.97
N ILE A 170 -3.22 4.11 29.35
CA ILE A 170 -2.49 3.56 30.48
C ILE A 170 -1.97 4.62 31.45
N GLU A 171 -2.86 5.45 31.98
CA GLU A 171 -2.57 6.30 33.13
C GLU A 171 -1.47 7.34 32.90
N MET A 172 -0.73 7.06 31.86
CA MET A 172 0.38 7.83 31.55
C MET A 172 0.02 9.21 31.04
N SER A 173 0.98 10.13 31.05
CA SER A 173 0.72 11.49 30.59
C SER A 173 0.99 11.66 29.13
N ALA A 174 0.39 12.67 28.53
CA ALA A 174 0.83 13.11 27.21
C ALA A 174 2.26 13.55 27.43
N GLU A 175 2.44 14.26 28.52
CA GLU A 175 3.73 14.78 28.90
C GLU A 175 4.71 13.73 29.37
N GLU A 176 4.26 12.51 29.66
CA GLU A 176 5.19 11.52 30.19
C GLU A 176 6.28 11.16 29.22
N ALA A 177 5.94 10.92 27.97
CA ALA A 177 6.85 10.25 27.06
C ALA A 177 7.89 11.17 26.48
N LYS A 178 7.71 12.46 26.65
CA LYS A 178 8.73 13.39 26.23
C LYS A 178 9.94 13.11 27.03
N ARG A 179 9.77 13.09 28.34
CA ARG A 179 10.88 12.78 29.20
C ARG A 179 10.89 11.27 29.29
N LEU A 180 11.23 10.63 28.19
CA LEU A 180 11.19 9.18 28.16
C LEU A 180 12.58 8.59 28.13
N ASP A 181 13.07 8.12 29.27
CA ASP A 181 14.34 7.43 29.26
C ASP A 181 14.10 6.18 28.49
N HIS A 182 13.00 5.50 28.81
CA HIS A 182 12.53 4.42 27.98
C HIS A 182 11.35 3.71 28.59
N PHE A 183 10.81 2.74 27.84
CA PHE A 183 9.52 2.12 28.13
C PHE A 183 9.43 0.60 28.27
N PHE A 184 8.78 0.19 29.33
CA PHE A 184 8.54 -1.20 29.65
C PHE A 184 7.08 -1.22 30.06
N CYS A 185 6.34 -2.24 29.66
CA CYS A 185 4.94 -2.29 30.00
C CYS A 185 4.69 -3.62 30.72
N GLU A 186 3.60 -3.70 31.46
CA GLU A 186 3.43 -4.80 32.40
C GLU A 186 3.49 -6.15 31.72
N ASN A 187 2.94 -6.26 30.53
CA ASN A 187 2.90 -7.53 29.83
C ASN A 187 4.32 -8.10 29.62
N CYS A 188 5.29 -7.23 29.47
CA CYS A 188 6.69 -7.61 29.25
C CYS A 188 7.11 -8.90 29.91
N ALA B 3 38.49 -5.41 -26.00
CA ALA B 3 39.15 -5.77 -24.75
C ALA B 3 39.49 -4.52 -23.94
N LYS B 4 40.70 -4.49 -23.39
CA LYS B 4 41.23 -3.31 -22.73
C LYS B 4 40.99 -2.09 -23.59
N ALA B 5 40.18 -1.16 -23.09
CA ALA B 5 39.64 -0.11 -23.95
C ALA B 5 39.58 1.28 -23.33
N LYS B 6 39.40 2.26 -24.21
CA LYS B 6 39.11 3.64 -23.85
C LYS B 6 37.75 4.02 -24.39
N ALA B 7 36.75 4.04 -23.52
CA ALA B 7 35.42 4.46 -23.94
C ALA B 7 34.75 5.22 -22.81
N PRO B 8 33.87 6.16 -23.15
CA PRO B 8 33.19 6.95 -22.11
C PRO B 8 32.30 6.09 -21.24
N ARG B 9 32.06 6.53 -20.01
CA ARG B 9 31.08 5.88 -19.16
C ARG B 9 29.71 6.52 -19.40
N ARG B 10 28.72 5.69 -19.68
CA ARG B 10 27.40 6.18 -20.05
C ARG B 10 26.30 5.34 -19.41
N THR B 11 25.21 6.01 -19.03
CA THR B 11 24.09 5.35 -18.38
C THR B 11 23.08 4.83 -19.39
N LEU B 12 23.07 3.51 -19.59
CA LEU B 12 22.10 2.87 -20.46
C LEU B 12 20.71 2.93 -19.83
N ASP B 13 19.69 3.01 -20.66
CA ASP B 13 18.31 3.02 -20.17
C ASP B 13 17.60 1.76 -20.61
N SER B 14 18.38 0.82 -21.13
CA SER B 14 17.87 -0.47 -21.58
C SER B 14 19.04 -1.41 -21.82
N TYR B 15 18.85 -2.68 -21.48
CA TYR B 15 19.88 -3.68 -21.77
C TYR B 15 19.30 -5.05 -22.02
N THR B 16 19.66 -5.62 -23.16
CA THR B 16 19.40 -7.01 -23.43
C THR B 16 20.58 -7.82 -22.89
N VAL B 17 20.40 -8.55 -21.79
CA VAL B 17 21.48 -9.49 -21.44
C VAL B 17 21.23 -10.71 -22.31
N LYS B 18 22.22 -11.57 -22.49
CA LYS B 18 22.23 -12.36 -23.71
C LYS B 18 21.53 -13.73 -23.76
N PRO B 19 21.80 -14.64 -22.81
CA PRO B 19 21.24 -16.01 -22.94
C PRO B 19 19.72 -15.94 -22.85
N ILE B 20 19.24 -15.20 -21.86
CA ILE B 20 17.86 -14.83 -21.68
C ILE B 20 17.27 -14.27 -22.97
N ASN B 21 18.13 -13.60 -23.73
CA ASN B 21 17.80 -12.86 -24.94
C ASN B 21 16.79 -11.74 -24.72
N LYS B 22 16.52 -11.35 -23.47
CA LYS B 22 15.54 -10.27 -23.28
C LYS B 22 16.13 -8.98 -22.69
N THR B 23 15.27 -7.97 -22.56
CA THR B 23 15.71 -6.62 -22.25
C THR B 23 15.05 -6.07 -21.00
N VAL B 24 15.88 -5.54 -20.11
CA VAL B 24 15.40 -4.91 -18.89
C VAL B 24 15.73 -3.41 -18.90
N LYS B 25 14.97 -2.65 -18.11
CA LYS B 25 15.16 -1.21 -17.96
C LYS B 25 15.16 -0.87 -16.46
N PRO B 26 15.76 0.27 -16.08
CA PRO B 26 15.66 0.71 -14.68
C PRO B 26 14.23 0.70 -14.16
N GLY B 27 14.02 0.15 -12.97
CA GLY B 27 12.70 0.03 -12.40
C GLY B 27 12.15 -1.38 -12.54
N ASP B 28 12.75 -2.17 -13.43
CA ASP B 28 12.38 -3.56 -13.59
C ASP B 28 12.87 -4.39 -12.41
N CYS B 29 12.14 -5.45 -12.08
CA CYS B 29 12.59 -6.40 -11.09
C CYS B 29 13.24 -7.58 -11.78
N VAL B 30 14.34 -8.08 -11.23
CA VAL B 30 15.10 -9.13 -11.89
C VAL B 30 15.57 -10.21 -10.92
N LEU B 31 15.79 -11.41 -11.48
CA LEU B 31 16.46 -12.48 -10.76
C LEU B 31 17.94 -12.47 -11.13
N MET B 32 18.80 -12.81 -10.20
CA MET B 32 20.25 -12.69 -10.40
C MET B 32 20.93 -13.91 -9.78
N ARG B 33 21.70 -14.70 -10.56
CA ARG B 33 22.37 -15.88 -10.00
C ARG B 33 23.20 -15.52 -8.76
N PRO B 34 23.01 -16.29 -7.68
CA PRO B 34 23.86 -16.14 -6.50
C PRO B 34 25.24 -16.71 -6.79
N SER B 35 26.17 -16.53 -5.86
CA SER B 35 27.47 -17.18 -5.98
C SER B 35 27.29 -18.70 -5.90
N ASP B 36 26.21 -19.11 -5.23
CA ASP B 36 25.91 -20.52 -5.01
C ASP B 36 24.71 -20.96 -5.84
N PRO B 37 24.86 -22.00 -6.66
CA PRO B 37 23.77 -22.56 -7.45
C PRO B 37 22.66 -23.18 -6.58
N SER B 38 23.04 -23.76 -5.44
CA SER B 38 22.09 -24.43 -4.57
C SER B 38 20.99 -23.49 -4.07
N LYS B 39 21.39 -22.27 -3.72
CA LYS B 39 20.45 -21.28 -3.19
C LYS B 39 19.57 -20.69 -4.29
N PRO B 40 18.35 -20.26 -3.92
CA PRO B 40 17.42 -19.63 -4.86
C PRO B 40 17.97 -18.33 -5.43
N SER B 41 17.56 -17.99 -6.65
CA SER B 41 18.02 -16.79 -7.32
C SER B 41 17.69 -15.53 -6.54
N TYR B 42 18.61 -14.56 -6.55
CA TYR B 42 18.38 -13.30 -5.85
C TYR B 42 17.32 -12.47 -6.56
N VAL B 43 16.56 -11.70 -5.80
CA VAL B 43 15.54 -10.82 -6.37
C VAL B 43 15.96 -9.37 -6.14
N ALA B 44 15.84 -8.54 -7.17
CA ALA B 44 16.31 -7.15 -7.04
C ALA B 44 15.54 -6.16 -7.89
N LYS B 45 15.65 -4.88 -7.54
CA LYS B 45 15.05 -3.80 -8.30
C LYS B 45 16.16 -2.98 -8.95
N ILE B 46 16.09 -2.78 -10.27
CA ILE B 46 17.13 -2.06 -10.99
C ILE B 46 17.05 -0.56 -10.74
N GLU B 47 18.12 -0.01 -10.19
CA GLU B 47 18.24 1.42 -9.95
C GLU B 47 18.81 2.11 -11.18
N ARG B 48 19.88 1.52 -11.74
CA ARG B 48 20.60 2.12 -12.85
C ARG B 48 21.29 1.05 -13.71
N ILE B 49 21.38 1.32 -15.01
CA ILE B 49 22.17 0.50 -15.92
C ILE B 49 23.37 1.32 -16.40
N GLU B 50 24.57 0.77 -16.21
CA GLU B 50 25.79 1.53 -16.44
C GLU B 50 26.74 0.82 -17.40
N SER B 51 27.42 1.59 -18.24
CA SER B 51 28.39 1.03 -19.17
C SER B 51 29.80 1.50 -18.84
N ASP B 52 30.63 0.56 -18.38
CA ASP B 52 32.05 0.83 -18.16
C ASP B 52 32.75 0.81 -19.51
N GLY B 53 33.52 1.84 -19.80
CA GLY B 53 34.15 1.97 -21.10
C GLY B 53 35.43 1.18 -21.27
N ARG B 54 36.05 0.83 -20.15
CA ARG B 54 37.37 0.20 -20.17
C ARG B 54 37.30 -1.30 -20.51
N GLY B 55 36.18 -1.93 -20.16
CA GLY B 55 35.98 -3.35 -20.41
C GLY B 55 35.81 -3.72 -21.88
N PRO B 56 34.75 -3.23 -22.52
CA PRO B 56 33.62 -2.56 -21.86
C PRO B 56 32.72 -3.55 -21.13
N ASN B 57 32.30 -3.19 -19.92
CA ASN B 57 31.40 -4.04 -19.14
C ASN B 57 30.13 -3.30 -18.79
N VAL B 58 29.02 -4.05 -18.70
CA VAL B 58 27.74 -3.46 -18.33
C VAL B 58 27.41 -3.80 -16.88
N ARG B 59 27.16 -2.78 -16.08
CA ARG B 59 26.86 -2.96 -14.67
C ARG B 59 25.48 -2.44 -14.32
N VAL B 60 24.79 -3.17 -13.45
CA VAL B 60 23.51 -2.73 -12.92
C VAL B 60 23.65 -2.33 -11.45
N ARG B 61 23.17 -1.14 -11.14
CA ARG B 61 22.97 -0.72 -9.76
C ARG B 61 21.64 -1.31 -9.32
N VAL B 62 21.57 -1.79 -8.09
CA VAL B 62 20.49 -2.68 -7.68
C VAL B 62 20.12 -2.50 -6.22
N ARG B 63 18.82 -2.55 -5.94
CA ARG B 63 18.32 -2.57 -4.57
C ARG B 63 17.73 -3.93 -4.27
N TRP B 64 18.27 -4.59 -3.25
CA TRP B 64 17.93 -5.99 -3.00
C TRP B 64 16.57 -6.20 -2.36
N TYR B 65 15.82 -7.14 -2.93
CA TYR B 65 14.64 -7.69 -2.28
C TYR B 65 15.04 -8.93 -1.48
N TYR B 66 14.97 -8.82 -0.15
CA TYR B 66 15.35 -9.93 0.70
C TYR B 66 14.25 -10.99 0.78
N ARG B 67 14.59 -12.24 0.47
CA ARG B 67 13.69 -13.35 0.72
C ARG B 67 13.57 -13.56 2.23
N PRO B 68 12.46 -14.15 2.69
CA PRO B 68 12.25 -14.32 4.14
C PRO B 68 13.36 -15.13 4.79
N GLU B 69 13.91 -16.10 4.05
CA GLU B 69 14.97 -16.94 4.56
C GLU B 69 16.29 -16.17 4.72
N GLU B 70 16.43 -15.06 4.00
CA GLU B 70 17.66 -14.27 4.03
C GLU B 70 17.65 -13.22 5.14
N SER B 71 16.48 -12.97 5.71
CA SER B 71 16.35 -12.01 6.80
C SER B 71 16.98 -12.56 8.07
N ILE B 72 17.26 -11.68 9.03
CA ILE B 72 17.83 -12.12 10.30
C ILE B 72 16.79 -12.90 11.11
N GLY B 73 15.53 -12.59 10.90
CA GLY B 73 14.45 -13.26 11.61
C GLY B 73 14.13 -14.59 10.96
N GLY B 74 14.64 -14.80 9.75
CA GLY B 74 14.38 -16.02 9.01
C GLY B 74 12.93 -16.12 8.56
N ARG B 75 12.60 -17.16 7.81
CA ARG B 75 11.23 -17.36 7.35
C ARG B 75 10.32 -17.70 8.51
N ARG B 76 9.09 -17.18 8.45
CA ARG B 76 8.06 -17.56 9.41
C ARG B 76 6.87 -18.18 8.69
N GLN B 77 5.89 -18.63 9.46
CA GLN B 77 4.73 -19.33 8.92
C GLN B 77 3.88 -18.44 8.00
N PHE B 78 3.61 -17.22 8.44
CA PHE B 78 2.73 -16.32 7.70
C PHE B 78 3.40 -15.75 6.45
N HIS B 79 4.71 -15.89 6.37
CA HIS B 79 5.46 -15.45 5.19
C HIS B 79 5.10 -16.32 3.99
N GLY B 80 4.78 -15.66 2.87
CA GLY B 80 4.47 -16.38 1.65
C GLY B 80 5.71 -17.02 1.06
N SER B 81 5.50 -18.00 0.19
CA SER B 81 6.61 -18.62 -0.52
C SER B 81 7.22 -17.62 -1.49
N LYS B 82 6.38 -16.73 -2.00
CA LYS B 82 6.80 -15.76 -3.00
C LYS B 82 6.84 -14.36 -2.40
N GLU B 83 6.92 -14.27 -1.08
CA GLU B 83 7.01 -12.99 -0.40
C GLU B 83 8.46 -12.52 -0.33
N VAL B 84 8.69 -11.26 -0.70
CA VAL B 84 10.00 -10.66 -0.52
C VAL B 84 9.86 -9.29 0.13
N PHE B 85 10.93 -8.85 0.79
CA PHE B 85 10.94 -7.56 1.48
C PHE B 85 11.78 -6.57 0.68
N LEU B 86 11.43 -5.29 0.78
CA LEU B 86 12.21 -4.24 0.13
C LEU B 86 13.23 -3.68 1.10
N SER B 87 14.49 -4.09 0.94
CA SER B 87 15.53 -3.70 1.88
C SER B 87 16.11 -2.32 1.57
N ASP B 88 17.00 -1.87 2.43
CA ASP B 88 17.79 -0.66 2.19
C ASP B 88 19.18 -1.07 1.74
N HIS B 89 19.26 -2.20 1.06
CA HIS B 89 20.55 -2.77 0.64
C HIS B 89 20.78 -2.59 -0.85
N TYR B 90 21.84 -1.87 -1.19
CA TYR B 90 22.17 -1.60 -2.58
C TYR B 90 23.50 -2.23 -2.96
N ASP B 91 23.68 -2.49 -4.25
CA ASP B 91 24.99 -2.91 -4.76
C ASP B 91 25.06 -2.80 -6.28
N THR B 92 26.26 -2.93 -6.83
CA THR B 92 26.43 -2.94 -8.27
C THR B 92 26.98 -4.29 -8.71
N GLN B 93 26.43 -4.86 -9.77
CA GLN B 93 26.90 -6.16 -10.24
C GLN B 93 26.83 -6.22 -11.76
N SER B 94 27.51 -7.19 -12.37
CA SER B 94 27.50 -7.32 -13.82
C SER B 94 26.08 -7.56 -14.34
N ALA B 95 25.85 -7.33 -15.63
CA ALA B 95 24.51 -7.52 -16.17
C ALA B 95 24.27 -8.96 -16.57
N ASP B 96 25.36 -9.71 -16.75
CA ASP B 96 25.27 -11.12 -17.12
C ASP B 96 24.63 -11.91 -16.00
N THR B 97 24.80 -11.41 -14.78
CA THR B 97 24.23 -12.03 -13.60
C THR B 97 22.70 -12.11 -13.64
N ILE B 98 22.06 -11.22 -14.40
CA ILE B 98 20.60 -11.28 -14.58
C ILE B 98 20.19 -12.53 -15.35
N GLU B 99 19.08 -13.16 -14.93
CA GLU B 99 18.61 -14.39 -15.54
C GLU B 99 17.18 -14.26 -16.03
N GLY B 100 16.49 -13.23 -15.57
CA GLY B 100 15.11 -13.02 -15.98
C GLY B 100 14.39 -11.88 -15.31
N LYS B 101 13.41 -11.34 -16.03
CA LYS B 101 12.52 -10.32 -15.50
C LYS B 101 11.48 -10.97 -14.60
N CYS B 102 11.01 -10.23 -13.59
CA CYS B 102 9.97 -10.72 -12.70
C CYS B 102 9.13 -9.58 -12.16
N MET B 103 7.95 -9.91 -11.66
CA MET B 103 7.06 -8.89 -11.11
C MET B 103 6.89 -9.05 -9.61
N VAL B 104 7.21 -7.98 -8.87
CA VAL B 104 6.89 -7.91 -7.46
C VAL B 104 5.66 -7.03 -7.29
N HIS B 105 4.54 -7.66 -6.97
CA HIS B 105 3.28 -6.93 -6.81
C HIS B 105 3.13 -6.45 -5.38
N SER B 106 2.19 -5.53 -5.16
CA SER B 106 1.80 -5.16 -3.81
C SER B 106 1.03 -6.33 -3.22
N PHE B 107 0.88 -6.36 -1.90
CA PHE B 107 0.14 -7.42 -1.24
C PHE B 107 -1.30 -7.45 -1.74
N LYS B 108 -1.86 -6.26 -1.96
CA LYS B 108 -3.24 -6.12 -2.41
C LYS B 108 -3.44 -6.58 -3.85
N ASN B 109 -2.52 -6.20 -4.73
CA ASN B 109 -2.60 -6.59 -6.13
C ASN B 109 -2.38 -8.08 -6.32
N TYR B 110 -1.53 -8.64 -5.46
CA TYR B 110 -1.18 -10.05 -5.51
C TYR B 110 -2.40 -10.93 -5.19
N THR B 111 -3.30 -10.41 -4.37
CA THR B 111 -4.53 -11.12 -4.04
C THR B 111 -5.40 -11.32 -5.27
N LYS B 112 -5.48 -10.27 -6.09
CA LYS B 112 -6.36 -10.24 -7.25
C LYS B 112 -5.83 -11.04 -8.44
N LEU B 113 -4.61 -11.56 -8.30
CA LEU B 113 -3.88 -12.14 -9.43
C LEU B 113 -4.64 -13.20 -10.22
N ASP B 114 -4.37 -13.24 -11.52
CA ASP B 114 -4.87 -14.28 -12.41
C ASP B 114 -4.46 -15.64 -11.86
N ALA B 115 -3.14 -15.81 -11.74
CA ALA B 115 -2.54 -16.98 -11.15
C ALA B 115 -1.15 -16.62 -10.68
N VAL B 116 -0.55 -17.47 -9.85
CA VAL B 116 0.81 -17.19 -9.37
C VAL B 116 1.81 -18.09 -10.08
N GLY B 117 2.51 -17.52 -11.05
CA GLY B 117 3.59 -18.22 -11.74
C GLY B 117 4.85 -18.14 -10.92
N ASN B 118 5.93 -18.74 -11.42
CA ASN B 118 7.20 -18.74 -10.72
C ASN B 118 7.78 -17.34 -10.56
N ASP B 119 7.58 -16.50 -11.56
CA ASP B 119 8.19 -15.18 -11.59
C ASP B 119 7.38 -14.12 -10.85
N ASP B 120 6.28 -14.54 -10.21
CA ASP B 120 5.45 -13.61 -9.46
C ASP B 120 5.81 -13.58 -7.99
N PHE B 121 5.87 -12.37 -7.42
CA PHE B 121 6.19 -12.17 -6.02
C PHE B 121 5.28 -11.10 -5.43
N PHE B 122 5.33 -10.92 -4.11
CA PHE B 122 4.62 -9.80 -3.51
C PHE B 122 5.40 -9.19 -2.36
N CYS B 123 5.10 -7.92 -2.07
CA CYS B 123 5.80 -7.16 -1.05
C CYS B 123 4.81 -6.38 -0.18
N ARG B 124 4.88 -6.59 1.12
CA ARG B 124 4.08 -5.85 2.07
C ARG B 124 4.97 -5.26 3.15
N PHE B 125 6.27 -5.45 3.02
CA PHE B 125 7.22 -5.02 4.03
C PHE B 125 8.43 -4.28 3.47
N GLU B 126 8.87 -3.27 4.21
CA GLU B 126 10.20 -2.70 4.02
C GLU B 126 11.06 -3.16 5.19
N TYR B 127 12.26 -3.65 4.88
CA TYR B 127 13.08 -4.34 5.85
C TYR B 127 14.48 -3.75 5.95
N ASN B 128 14.84 -3.25 7.13
CA ASN B 128 16.20 -2.78 7.36
C ASN B 128 17.15 -3.97 7.29
N SER B 129 18.18 -3.86 6.47
CA SER B 129 19.09 -4.97 6.24
C SER B 129 20.10 -5.12 7.38
N SER B 130 20.32 -4.04 8.12
CA SER B 130 21.28 -4.05 9.22
C SER B 130 20.61 -4.43 10.54
N THR B 131 19.54 -3.72 10.89
CA THR B 131 18.86 -3.93 12.16
C THR B 131 17.89 -5.11 12.10
N GLY B 132 17.27 -5.30 10.94
CA GLY B 132 16.29 -6.36 10.78
C GLY B 132 14.88 -5.88 11.04
N ALA B 133 14.74 -4.59 11.32
CA ALA B 133 13.45 -3.99 11.62
C ALA B 133 12.53 -4.04 10.40
N PHE B 134 11.24 -4.14 10.65
CA PHE B 134 10.25 -4.19 9.57
C PHE B 134 9.37 -2.94 9.55
N ASN B 135 9.01 -2.51 8.35
CA ASN B 135 8.12 -1.37 8.17
C ASN B 135 6.93 -1.73 7.28
N PRO B 136 5.74 -1.85 7.87
CA PRO B 136 5.48 -1.62 9.29
C PRO B 136 5.79 -2.85 10.15
N ASP B 137 6.08 -2.64 11.43
CA ASP B 137 6.38 -3.74 12.33
C ASP B 137 5.22 -4.71 12.45
N ARG B 138 4.00 -4.18 12.42
CA ARG B 138 2.81 -4.98 12.68
C ARG B 138 1.75 -4.79 11.60
N VAL B 139 1.10 -5.89 11.22
CA VAL B 139 0.01 -5.85 10.26
C VAL B 139 -1.21 -6.59 10.81
N ALA B 140 -2.28 -6.68 10.01
CA ALA B 140 -3.52 -7.30 10.44
C ALA B 140 -3.34 -8.78 10.77
N VAL B 141 -4.03 -9.23 11.81
CA VAL B 141 -3.96 -10.62 12.24
C VAL B 141 -5.32 -11.32 12.09
N TYR B 142 -5.28 -12.60 11.74
CA TYR B 142 -6.51 -13.36 11.53
C TYR B 142 -6.50 -14.66 12.32
N CYS B 143 -7.65 -15.32 12.38
CA CYS B 143 -7.84 -16.52 13.20
C CYS B 143 -7.56 -16.23 14.67
N LYS B 144 -7.54 -17.26 15.49
CA LYS B 144 -7.16 -17.08 16.88
C LYS B 144 -5.79 -17.70 17.11
N CYS B 145 -5.16 -18.12 16.02
CA CYS B 145 -3.73 -18.37 16.02
C CYS B 145 -3.06 -17.01 15.90
N GLU B 146 -3.86 -16.02 15.51
CA GLU B 146 -3.50 -14.61 15.51
C GLU B 146 -2.25 -14.32 14.70
N MET B 147 -2.19 -14.89 13.50
CA MET B 147 -1.05 -14.68 12.62
C MET B 147 -1.48 -13.89 11.37
N PRO B 148 -0.55 -13.09 10.82
CA PRO B 148 -0.80 -12.33 9.59
C PRO B 148 -1.20 -13.25 8.44
N TYR B 149 -1.92 -12.72 7.46
CA TYR B 149 -2.43 -13.53 6.35
C TYR B 149 -1.31 -14.06 5.46
N ASN B 150 -1.31 -15.36 5.27
CA ASN B 150 -0.42 -16.01 4.31
C ASN B 150 -1.21 -16.38 3.07
N PRO B 151 -0.91 -15.71 1.94
CA PRO B 151 -1.61 -15.93 0.67
C PRO B 151 -1.63 -17.40 0.25
N ASP B 152 -0.62 -18.16 0.68
CA ASP B 152 -0.53 -19.58 0.37
C ASP B 152 -1.57 -20.40 1.14
N ASP B 153 -1.87 -19.98 2.37
CA ASP B 153 -2.81 -20.71 3.22
C ASP B 153 -4.26 -20.42 2.85
N LEU B 154 -5.10 -21.46 2.95
CA LEU B 154 -6.53 -21.30 2.75
C LEU B 154 -7.17 -20.75 4.02
N MET B 155 -8.12 -19.84 3.86
CA MET B 155 -8.88 -19.32 4.99
C MET B 155 -10.36 -19.23 4.65
N VAL B 156 -11.19 -19.41 5.67
CA VAL B 156 -12.64 -19.34 5.50
C VAL B 156 -13.21 -18.27 6.43
N GLN B 157 -14.24 -17.57 5.99
CA GLN B 157 -14.81 -16.47 6.77
C GLN B 157 -16.14 -16.85 7.42
N CYS B 158 -16.25 -16.54 8.71
CA CYS B 158 -17.52 -16.63 9.42
C CYS B 158 -18.34 -15.37 9.18
N GLU B 159 -19.66 -15.47 9.28
CA GLU B 159 -20.51 -14.30 9.06
C GLU B 159 -20.89 -13.63 10.38
N GLY B 160 -20.59 -14.29 11.48
CA GLY B 160 -20.87 -13.74 12.80
C GLY B 160 -19.82 -12.72 13.20
N CYS B 161 -18.58 -13.18 13.34
CA CYS B 161 -17.48 -12.31 13.75
C CYS B 161 -16.75 -11.71 12.54
N SER B 162 -17.13 -12.17 11.35
CA SER B 162 -16.53 -11.71 10.09
C SER B 162 -15.03 -11.98 10.00
N ASP B 163 -14.51 -12.78 10.94
CA ASP B 163 -13.09 -13.09 10.96
C ASP B 163 -12.77 -14.24 10.00
N TRP B 164 -11.49 -14.48 9.77
CA TRP B 164 -11.05 -15.55 8.88
C TRP B 164 -10.25 -16.59 9.65
N PHE B 165 -10.34 -17.84 9.24
CA PHE B 165 -9.75 -18.94 10.00
C PHE B 165 -9.05 -19.99 9.14
N HIS B 166 -7.99 -20.58 9.67
CA HIS B 166 -7.42 -21.78 9.10
C HIS B 166 -8.25 -22.97 9.56
N PRO B 167 -8.66 -23.83 8.62
CA PRO B 167 -9.38 -25.06 8.97
C PRO B 167 -8.59 -25.90 9.97
N ALA B 168 -7.29 -26.02 9.76
CA ALA B 168 -6.43 -26.81 10.64
C ALA B 168 -6.33 -26.20 12.04
N CYS B 169 -6.64 -24.90 12.15
CA CYS B 169 -6.57 -24.21 13.43
C CYS B 169 -7.90 -24.26 14.18
N ILE B 170 -8.94 -24.74 13.51
CA ILE B 170 -10.23 -24.97 14.15
C ILE B 170 -10.56 -26.46 14.11
N GLU B 171 -9.59 -27.25 13.66
CA GLU B 171 -9.71 -28.70 13.49
C GLU B 171 -10.71 -29.08 12.40
N MET B 172 -11.32 -28.07 11.78
CA MET B 172 -12.23 -28.27 10.67
C MET B 172 -11.40 -28.56 9.42
N SER B 173 -11.99 -28.96 8.31
CA SER B 173 -11.21 -29.29 7.12
C SER B 173 -11.59 -28.54 5.84
N ALA B 174 -10.63 -28.45 4.92
CA ALA B 174 -10.69 -27.60 3.72
C ALA B 174 -11.81 -27.97 2.81
N GLU B 175 -11.98 -29.26 2.70
CA GLU B 175 -13.02 -29.81 1.87
C GLU B 175 -14.31 -29.28 2.44
N GLU B 176 -14.41 -29.37 3.75
CA GLU B 176 -15.65 -29.03 4.41
C GLU B 176 -15.88 -27.58 4.10
N ALA B 177 -14.81 -26.84 4.22
CA ALA B 177 -14.82 -25.41 4.28
C ALA B 177 -15.40 -24.90 3.02
N LYS B 178 -15.00 -25.46 1.91
CA LYS B 178 -15.67 -25.07 0.66
C LYS B 178 -17.13 -25.54 0.55
N ARG B 179 -17.34 -26.73 1.10
CA ARG B 179 -18.51 -27.59 1.01
C ARG B 179 -19.65 -26.99 1.81
N LEU B 180 -19.33 -26.69 3.06
CA LEU B 180 -20.25 -26.13 4.04
C LEU B 180 -21.13 -25.01 3.47
N ASP B 181 -22.35 -24.90 3.98
CA ASP B 181 -23.29 -23.90 3.47
C ASP B 181 -23.32 -22.62 4.31
N HIS B 182 -23.29 -22.76 5.63
CA HIS B 182 -23.24 -21.58 6.51
C HIS B 182 -22.35 -21.81 7.74
N PHE B 183 -21.29 -21.02 7.83
CA PHE B 183 -20.23 -21.20 8.82
C PHE B 183 -20.27 -20.15 9.92
N PHE B 184 -20.09 -20.57 11.18
CA PHE B 184 -20.18 -19.63 12.29
C PHE B 184 -19.17 -19.88 13.42
N CYS B 185 -17.94 -20.21 13.02
CA CYS B 185 -16.74 -20.14 13.87
C CYS B 185 -16.84 -20.50 15.36
N GLU B 186 -16.11 -19.74 16.16
CA GLU B 186 -15.88 -20.05 17.57
C GLU B 186 -16.81 -19.27 18.51
N ASN B 187 -18.11 -19.50 18.32
CA ASN B 187 -19.25 -19.13 19.19
C ASN B 187 -20.49 -18.95 18.31
N CYS B 188 -21.11 -17.78 18.40
CA CYS B 188 -22.25 -17.42 17.54
C CYS B 188 -23.39 -18.42 17.68
N THR C 3 8.21 7.34 19.80
CA THR C 3 6.91 7.99 19.71
C THR C 3 6.43 8.15 18.27
N GLN C 5 3.69 10.26 15.76
CA GLN C 5 2.70 11.30 15.47
C GLN C 5 2.98 12.06 14.18
N THR C 6 1.91 12.47 13.52
CA THR C 6 1.99 13.40 12.40
C THR C 6 1.24 14.67 12.79
N ALA C 7 1.98 15.76 12.96
CA ALA C 7 1.40 17.02 13.43
C ALA C 7 0.89 17.89 12.29
N ARG C 8 -0.29 18.45 12.47
CA ARG C 8 -0.95 19.23 11.43
C ARG C 8 -0.93 20.73 11.71
N LYS C 9 -0.21 21.47 10.89
CA LYS C 9 -0.07 22.92 11.09
C LYS C 9 -0.11 23.70 9.78
N SER C 10 -1.05 24.64 9.70
CA SER C 10 -1.14 25.57 8.58
C SER C 10 -2.18 26.65 8.88
N ALA D 1 -19.49 -22.09 1.44
CA ALA D 1 -18.90 -21.09 2.32
C ALA D 1 -17.94 -20.18 1.55
N ARG D 2 -17.53 -19.10 2.20
CA ARG D 2 -16.63 -18.13 1.58
C ARG D 2 -15.18 -18.36 1.99
N THR D 3 -14.35 -18.76 1.03
CA THR D 3 -12.94 -19.03 1.31
C THR D 3 -12.03 -18.18 0.42
N GLN D 5 -7.78 -17.82 -1.04
CA GLN D 5 -6.41 -18.30 -1.19
C GLN D 5 -5.93 -18.03 -2.61
N THR D 6 -4.64 -17.72 -2.76
CA THR D 6 -4.07 -17.51 -4.08
C THR D 6 -2.86 -18.42 -4.32
N ALA D 7 -2.94 -19.28 -5.33
CA ALA D 7 -1.84 -20.19 -5.63
C ALA D 7 -1.95 -20.82 -7.02
N ARG D 8 -0.81 -21.27 -7.54
CA ARG D 8 -0.73 -22.04 -8.78
C ARG D 8 0.69 -22.56 -9.00
N LYS D 9 0.80 -23.81 -9.42
CA LYS D 9 2.09 -24.39 -9.79
C LYS D 9 1.91 -25.67 -10.61
#